data_1EZN
#
_entry.id   1EZN
#
_cell.length_a   1.000
_cell.length_b   1.000
_cell.length_c   1.000
_cell.angle_alpha   90.00
_cell.angle_beta   90.00
_cell.angle_gamma   90.00
#
_symmetry.space_group_name_H-M   'P 1'
#
_entity_poly.entity_id   1
_entity_poly.type   'polydeoxyribonucleotide'
_entity_poly.pdbx_seq_one_letter_code
;(DC)(DG)(DT)(DG)(DC)(DA)(DC)(DC)(DC)(DG)(DC)(DT)(DT)(DG)(DC)(DG)(DG)(DC)(DG)(DA)
(DC)(DT)(DT)(DG)(DT)(DC)(DG)(DT)(DT)(DG)(DT)(DG)(DC)(DA)(DC)(DG)
;
_entity_poly.pdbx_strand_id   A
#